data_1RHK
#
_entry.id   1RHK
#
_cell.length_a   69.940
_cell.length_b   84.660
_cell.length_c   96.820
_cell.angle_alpha   90.00
_cell.angle_beta   90.00
_cell.angle_gamma   90.00
#
_symmetry.space_group_name_H-M   'I 2 2 2'
#
loop_
_entity.id
_entity.type
_entity.pdbx_description
1 polymer Caspase-3
2 polymer Caspase-3
3 polymer acetyl-asp-glu-val-fpr
4 water water
#
loop_
_entity_poly.entity_id
_entity_poly.type
_entity_poly.pdbx_seq_one_letter_code
_entity_poly.pdbx_strand_id
1 'polypeptide(L)'
;SGISLDNSYKMDYPEMGLCIIINNKNFHKSTGMTSRSGTDVDAANLRETFRNLKYEVRNKNDLTREEIVELMRDVSKEDH
SKRSSFVCVLLSHGEEGIIFGTNGPVDLKKITNFFRGDRCRSLTGKPKLFIIQACRGTELDCGIETD
;
A
2 'polypeptide(L)'
;SGVDDDMACHKIPVEADFLYAYSTAPGYYSWRNSKDGSWFIQSLCAMLKQYADKLEFMHILTRVNRKVATEFESFSFDAT
FHAKKQIPCIVSMLTKELYFYH
;
B
3 'polypeptide(L)' (ACE)DEV(FPR) C
#
# COMPACT_ATOMS: atom_id res chain seq x y z
N ASP A 6 22.67 5.21 17.10
CA ASP A 6 21.60 5.57 16.12
C ASP A 6 20.43 4.60 16.18
N ASN A 7 19.21 5.14 16.19
CA ASN A 7 18.02 4.30 16.26
C ASN A 7 16.92 4.66 15.24
N SER A 8 17.26 5.54 14.30
CA SER A 8 16.30 5.93 13.28
C SER A 8 16.95 5.81 11.89
N TYR A 9 16.14 5.51 10.89
CA TYR A 9 16.63 5.36 9.53
C TYR A 9 17.21 6.64 8.93
N LYS A 10 18.38 6.52 8.32
CA LYS A 10 19.06 7.65 7.68
C LYS A 10 18.24 8.12 6.50
N MET A 11 17.63 9.30 6.62
CA MET A 11 16.81 9.84 5.54
C MET A 11 17.44 11.08 4.91
N ASP A 12 18.75 11.22 5.05
CA ASP A 12 19.44 12.38 4.49
C ASP A 12 20.13 12.11 3.17
N TYR A 13 19.87 10.95 2.58
CA TYR A 13 20.45 10.59 1.29
C TYR A 13 20.03 11.66 0.29
N PRO A 14 20.81 11.83 -0.78
CA PRO A 14 20.48 12.84 -1.80
C PRO A 14 18.98 12.91 -2.13
N GLU A 15 18.32 11.76 -2.22
CA GLU A 15 16.89 11.77 -2.51
C GLU A 15 16.10 10.80 -1.64
N MET A 16 14.88 11.20 -1.30
CA MET A 16 14.01 10.37 -0.46
C MET A 16 13.79 8.99 -1.06
N GLY A 17 13.80 8.92 -2.38
CA GLY A 17 13.60 7.65 -3.05
C GLY A 17 12.45 7.61 -4.06
N LEU A 18 12.19 6.41 -4.55
CA LEU A 18 11.12 6.16 -5.52
C LEU A 18 9.80 5.79 -4.86
N CYS A 19 8.70 6.11 -5.54
CA CYS A 19 7.39 5.76 -5.04
C CYS A 19 6.59 5.23 -6.21
N ILE A 20 6.50 3.91 -6.32
CA ILE A 20 5.76 3.27 -7.40
C ILE A 20 4.32 3.00 -7.01
N ILE A 21 3.37 3.57 -7.74
CA ILE A 21 1.96 3.38 -7.48
C ILE A 21 1.39 2.59 -8.64
N ILE A 22 0.93 1.37 -8.37
CA ILE A 22 0.33 0.58 -9.42
C ILE A 22 -1.16 0.69 -9.18
N ASN A 23 -1.85 1.36 -10.09
CA ASN A 23 -3.27 1.57 -9.97
C ASN A 23 -4.06 0.82 -11.03
N ASN A 24 -4.71 -0.27 -10.61
CA ASN A 24 -5.51 -1.09 -11.51
C ASN A 24 -7.00 -0.80 -11.30
N LYS A 25 -7.66 -0.33 -12.37
CA LYS A 25 -9.08 0.01 -12.32
C LYS A 25 -9.93 -0.87 -13.24
N ASN A 26 -9.38 -1.25 -14.39
CA ASN A 26 -10.11 -2.07 -15.37
C ASN A 26 -9.47 -3.41 -15.66
N PHE A 27 -10.21 -4.47 -15.37
CA PHE A 27 -9.72 -5.84 -15.59
C PHE A 27 -10.31 -6.48 -16.84
N HIS A 28 -9.65 -7.50 -17.36
CA HIS A 28 -10.13 -8.18 -18.55
C HIS A 28 -11.46 -8.86 -18.21
N LYS A 29 -12.43 -8.72 -19.11
CA LYS A 29 -13.76 -9.29 -18.93
C LYS A 29 -13.68 -10.74 -18.46
N SER A 30 -12.82 -11.53 -19.09
CA SER A 30 -12.65 -12.94 -18.79
C SER A 30 -12.15 -13.28 -17.38
N THR A 31 -11.66 -12.29 -16.64
CA THR A 31 -11.19 -12.55 -15.28
C THR A 31 -12.39 -12.54 -14.33
N GLY A 32 -13.49 -11.95 -14.78
CA GLY A 32 -14.67 -11.87 -13.95
C GLY A 32 -14.57 -10.81 -12.87
N MET A 33 -13.44 -10.10 -12.84
CA MET A 33 -13.21 -9.06 -11.83
C MET A 33 -13.90 -7.74 -12.19
N THR A 34 -14.65 -7.16 -11.25
CA THR A 34 -15.35 -5.91 -11.50
C THR A 34 -14.44 -4.68 -11.40
N SER A 35 -14.84 -3.60 -12.05
CA SER A 35 -14.07 -2.36 -12.04
C SER A 35 -14.01 -1.73 -10.66
N ARG A 36 -12.82 -1.23 -10.33
CA ARG A 36 -12.58 -0.59 -9.04
C ARG A 36 -12.74 0.92 -9.12
N SER A 37 -13.99 1.36 -9.15
CA SER A 37 -14.32 2.78 -9.24
C SER A 37 -13.76 3.61 -8.09
N GLY A 38 -13.45 4.86 -8.39
CA GLY A 38 -12.91 5.76 -7.39
C GLY A 38 -11.46 5.52 -7.03
N THR A 39 -10.83 4.51 -7.63
CA THR A 39 -9.44 4.21 -7.33
C THR A 39 -8.52 5.29 -7.90
N ASP A 40 -9.03 6.02 -8.89
CA ASP A 40 -8.26 7.08 -9.51
C ASP A 40 -8.04 8.20 -8.50
N VAL A 41 -9.03 8.37 -7.63
CA VAL A 41 -8.97 9.40 -6.60
C VAL A 41 -7.82 9.06 -5.64
N ASP A 42 -7.70 7.79 -5.30
CA ASP A 42 -6.63 7.34 -4.41
C ASP A 42 -5.26 7.58 -5.04
N ALA A 43 -5.11 7.18 -6.29
CA ALA A 43 -3.85 7.34 -7.02
C ALA A 43 -3.47 8.80 -7.22
N ALA A 44 -4.46 9.66 -7.38
CA ALA A 44 -4.19 11.09 -7.56
C ALA A 44 -3.77 11.70 -6.23
N ASN A 45 -4.44 11.26 -5.16
CA ASN A 45 -4.18 11.72 -3.80
C ASN A 45 -2.78 11.28 -3.35
N LEU A 46 -2.51 9.98 -3.47
CA LEU A 46 -1.23 9.42 -3.08
C LEU A 46 -0.10 10.08 -3.86
N ARG A 47 -0.38 10.41 -5.11
CA ARG A 47 0.62 11.04 -5.97
C ARG A 47 1.00 12.43 -5.45
N GLU A 48 0.00 13.17 -5.00
CA GLU A 48 0.21 14.52 -4.47
C GLU A 48 0.87 14.51 -3.09
N THR A 49 0.54 13.49 -2.30
CA THR A 49 1.06 13.42 -0.96
C THR A 49 2.52 13.03 -0.97
N PHE A 50 2.86 12.02 -1.76
CA PHE A 50 4.25 11.58 -1.81
C PHE A 50 5.11 12.54 -2.62
N ARG A 51 4.48 13.43 -3.39
CA ARG A 51 5.24 14.41 -4.13
C ARG A 51 5.79 15.41 -3.12
N ASN A 52 4.93 15.84 -2.20
CA ASN A 52 5.35 16.80 -1.20
C ASN A 52 6.27 16.20 -0.14
N LEU A 53 6.43 14.89 -0.16
CA LEU A 53 7.34 14.24 0.77
C LEU A 53 8.69 14.08 0.08
N LYS A 54 8.74 14.56 -1.17
CA LYS A 54 9.94 14.52 -2.01
C LYS A 54 10.31 13.17 -2.59
N TYR A 55 9.32 12.35 -2.91
CA TYR A 55 9.59 11.06 -3.51
C TYR A 55 9.41 11.20 -5.01
N GLU A 56 10.20 10.48 -5.78
CA GLU A 56 10.05 10.52 -7.24
C GLU A 56 8.89 9.56 -7.46
N VAL A 57 7.74 10.08 -7.85
CA VAL A 57 6.57 9.25 -8.05
C VAL A 57 6.36 8.78 -9.48
N ARG A 58 5.89 7.54 -9.63
CA ARG A 58 5.62 6.97 -10.94
C ARG A 58 4.28 6.23 -10.93
N ASN A 59 3.28 6.77 -11.62
CA ASN A 59 1.97 6.14 -11.70
C ASN A 59 1.92 5.22 -12.91
N LYS A 60 1.46 4.00 -12.69
CA LYS A 60 1.31 3.03 -13.77
C LYS A 60 -0.11 2.54 -13.65
N ASN A 61 -0.84 2.54 -14.75
CA ASN A 61 -2.24 2.12 -14.72
C ASN A 61 -2.57 0.86 -15.50
N ASP A 62 -3.46 0.06 -14.91
CA ASP A 62 -3.97 -1.17 -15.51
C ASP A 62 -2.91 -2.07 -16.13
N LEU A 63 -1.98 -2.55 -15.31
CA LEU A 63 -0.92 -3.44 -15.78
C LEU A 63 -1.32 -4.91 -15.67
N THR A 64 -0.82 -5.73 -16.59
CA THR A 64 -1.13 -7.16 -16.55
C THR A 64 -0.23 -7.79 -15.51
N ARG A 65 -0.56 -8.99 -15.04
CA ARG A 65 0.27 -9.64 -14.05
C ARG A 65 1.72 -9.60 -14.53
N GLU A 66 1.94 -9.97 -15.80
CA GLU A 66 3.27 -9.98 -16.39
C GLU A 66 4.00 -8.65 -16.24
N GLU A 67 3.33 -7.57 -16.63
CA GLU A 67 3.94 -6.26 -16.53
C GLU A 67 4.24 -5.87 -15.09
N ILE A 68 3.37 -6.25 -14.16
CA ILE A 68 3.62 -5.92 -12.76
C ILE A 68 4.98 -6.49 -12.35
N VAL A 69 5.18 -7.78 -12.59
CA VAL A 69 6.44 -8.45 -12.24
C VAL A 69 7.62 -7.82 -13.00
N GLU A 70 7.37 -7.52 -14.27
CA GLU A 70 8.36 -6.92 -15.15
C GLU A 70 8.82 -5.57 -14.60
N LEU A 71 7.86 -4.81 -14.09
CA LEU A 71 8.15 -3.50 -13.53
C LEU A 71 8.95 -3.62 -12.24
N MET A 72 8.55 -4.56 -11.38
CA MET A 72 9.24 -4.75 -10.10
C MET A 72 10.66 -5.23 -10.31
N ARG A 73 10.82 -6.15 -11.26
CA ARG A 73 12.12 -6.68 -11.58
C ARG A 73 13.05 -5.54 -12.01
N ASP A 74 12.56 -4.66 -12.87
CA ASP A 74 13.35 -3.54 -13.36
C ASP A 74 13.62 -2.50 -12.30
N VAL A 75 12.59 -2.17 -11.52
CA VAL A 75 12.76 -1.17 -10.47
C VAL A 75 13.82 -1.61 -9.46
N SER A 76 13.92 -2.92 -9.24
CA SER A 76 14.90 -3.46 -8.29
C SER A 76 16.34 -3.41 -8.84
N LYS A 77 16.48 -3.61 -10.14
CA LYS A 77 17.81 -3.60 -10.76
C LYS A 77 18.42 -2.19 -10.84
N GLU A 78 17.58 -1.17 -10.68
CA GLU A 78 18.05 0.21 -10.69
C GLU A 78 18.98 0.42 -9.50
N ASP A 79 19.72 1.52 -9.48
CA ASP A 79 20.63 1.79 -8.37
C ASP A 79 19.96 2.73 -7.38
N HIS A 80 19.86 2.30 -6.14
CA HIS A 80 19.20 3.13 -5.12
C HIS A 80 20.20 3.68 -4.11
N SER A 81 21.47 3.74 -4.51
CA SER A 81 22.54 4.23 -3.64
C SER A 81 22.31 5.64 -3.10
N LYS A 82 21.79 6.54 -3.92
CA LYS A 82 21.53 7.91 -3.48
C LYS A 82 20.10 8.10 -2.99
N ARG A 83 19.37 7.00 -2.89
CA ARG A 83 17.99 7.06 -2.42
C ARG A 83 17.90 6.54 -0.99
N SER A 84 17.14 7.26 -0.17
CA SER A 84 16.94 6.91 1.24
C SER A 84 16.06 5.67 1.47
N SER A 85 14.94 5.60 0.75
CA SER A 85 14.01 4.50 0.92
C SER A 85 13.32 4.11 -0.38
N PHE A 86 12.37 3.17 -0.28
CA PHE A 86 11.60 2.70 -1.43
C PHE A 86 10.14 2.49 -1.04
N VAL A 87 9.22 3.04 -1.83
CA VAL A 87 7.80 2.87 -1.53
C VAL A 87 7.06 2.29 -2.72
N CYS A 88 6.28 1.25 -2.47
CA CYS A 88 5.49 0.64 -3.52
C CYS A 88 4.04 0.60 -3.06
N VAL A 89 3.16 1.15 -3.87
CA VAL A 89 1.73 1.20 -3.54
C VAL A 89 0.93 0.37 -4.52
N LEU A 90 0.18 -0.59 -4.00
CA LEU A 90 -0.62 -1.48 -4.83
C LEU A 90 -2.11 -1.24 -4.60
N LEU A 91 -2.79 -0.79 -5.64
CA LEU A 91 -4.22 -0.53 -5.60
C LEU A 91 -4.89 -1.50 -6.57
N SER A 92 -5.63 -2.48 -6.04
CA SER A 92 -6.27 -3.47 -6.90
C SER A 92 -7.09 -4.51 -6.13
N HIS A 93 -7.55 -5.54 -6.83
CA HIS A 93 -8.29 -6.63 -6.19
C HIS A 93 -7.26 -7.60 -5.63
N GLY A 94 -7.67 -8.45 -4.70
CA GLY A 94 -6.74 -9.41 -4.16
C GLY A 94 -7.35 -10.40 -3.18
N GLU A 95 -6.47 -11.22 -2.61
CA GLU A 95 -6.85 -12.21 -1.62
C GLU A 95 -5.62 -12.34 -0.74
N GLU A 96 -5.69 -13.15 0.30
CA GLU A 96 -4.57 -13.31 1.19
C GLU A 96 -3.29 -13.61 0.39
N GLY A 97 -2.32 -12.70 0.49
CA GLY A 97 -1.05 -12.87 -0.20
C GLY A 97 -1.09 -12.79 -1.72
N ILE A 98 -2.20 -12.29 -2.26
CA ILE A 98 -2.37 -12.19 -3.71
C ILE A 98 -2.89 -10.83 -4.14
N ILE A 99 -2.36 -10.29 -5.23
CA ILE A 99 -2.87 -9.03 -5.75
C ILE A 99 -3.13 -9.29 -7.23
N PHE A 100 -4.24 -8.75 -7.73
CA PHE A 100 -4.62 -8.96 -9.13
C PHE A 100 -4.07 -8.03 -10.18
N GLY A 101 -3.53 -8.63 -11.24
CA GLY A 101 -3.04 -7.89 -12.37
C GLY A 101 -4.32 -7.79 -13.18
N THR A 102 -4.36 -6.98 -14.23
CA THR A 102 -5.60 -6.87 -14.98
C THR A 102 -6.03 -8.20 -15.60
N ASN A 103 -5.08 -9.09 -15.84
CA ASN A 103 -5.36 -10.37 -16.47
C ASN A 103 -5.24 -11.59 -15.56
N GLY A 104 -4.94 -11.37 -14.30
CA GLY A 104 -4.79 -12.49 -13.38
C GLY A 104 -4.01 -12.15 -12.13
N PRO A 105 -4.01 -13.05 -11.13
CA PRO A 105 -3.32 -12.89 -9.84
C PRO A 105 -1.81 -12.98 -9.86
N VAL A 106 -1.21 -12.30 -8.90
CA VAL A 106 0.23 -12.29 -8.72
C VAL A 106 0.38 -12.48 -7.23
N ASP A 107 1.22 -13.40 -6.79
CA ASP A 107 1.38 -13.58 -5.35
C ASP A 107 2.38 -12.56 -4.82
N LEU A 108 1.98 -11.86 -3.76
CA LEU A 108 2.82 -10.83 -3.15
C LEU A 108 4.26 -11.23 -2.98
N LYS A 109 4.49 -12.32 -2.27
CA LYS A 109 5.82 -12.83 -2.01
C LYS A 109 6.74 -12.71 -3.24
N LYS A 110 6.19 -13.02 -4.42
CA LYS A 110 6.94 -12.98 -5.65
C LYS A 110 7.58 -11.63 -5.96
N ILE A 111 6.78 -10.58 -5.90
CA ILE A 111 7.27 -9.25 -6.20
C ILE A 111 7.99 -8.62 -5.01
N THR A 112 7.74 -9.16 -3.83
CA THR A 112 8.38 -8.66 -2.63
C THR A 112 9.85 -9.12 -2.63
N ASN A 113 10.07 -10.37 -2.99
CA ASN A 113 11.42 -10.94 -3.02
C ASN A 113 12.42 -10.16 -3.86
N PHE A 114 11.94 -9.46 -4.90
CA PHE A 114 12.83 -8.68 -5.75
C PHE A 114 13.59 -7.63 -4.95
N PHE A 115 13.06 -7.26 -3.78
CA PHE A 115 13.67 -6.23 -2.96
C PHE A 115 14.30 -6.71 -1.66
N ARG A 116 14.43 -8.02 -1.47
CA ARG A 116 15.01 -8.49 -0.22
C ARG A 116 16.53 -8.61 -0.19
N GLY A 117 17.10 -8.15 0.93
CA GLY A 117 18.53 -8.15 1.17
C GLY A 117 19.46 -8.58 0.05
N ASP A 118 19.62 -9.89 -0.10
CA ASP A 118 20.48 -10.44 -1.14
C ASP A 118 20.16 -10.04 -2.57
N ARG A 119 18.89 -9.77 -2.87
CA ARG A 119 18.51 -9.38 -4.23
C ARG A 119 18.78 -7.91 -4.56
N CYS A 120 18.18 -6.99 -3.81
CA CYS A 120 18.39 -5.58 -4.10
C CYS A 120 19.38 -4.96 -3.11
N ARG A 121 20.65 -5.25 -3.32
CA ARG A 121 21.72 -4.78 -2.44
C ARG A 121 21.77 -3.25 -2.29
N SER A 122 21.21 -2.51 -3.23
CA SER A 122 21.21 -1.05 -3.16
C SER A 122 20.29 -0.51 -2.07
N LEU A 123 19.30 -1.32 -1.70
CA LEU A 123 18.34 -0.93 -0.67
C LEU A 123 18.63 -1.57 0.68
N THR A 124 19.57 -2.52 0.70
CA THR A 124 19.92 -3.20 1.94
C THR A 124 20.10 -2.20 3.09
N GLY A 125 19.40 -2.45 4.18
CA GLY A 125 19.50 -1.57 5.35
C GLY A 125 18.57 -0.37 5.29
N LYS A 126 17.94 -0.16 4.13
CA LYS A 126 17.03 0.96 3.95
C LYS A 126 15.59 0.45 4.03
N PRO A 127 14.66 1.31 4.46
CA PRO A 127 13.25 0.93 4.58
C PRO A 127 12.51 0.72 3.28
N LYS A 128 11.99 -0.49 3.08
CA LYS A 128 11.19 -0.85 1.90
C LYS A 128 9.74 -0.93 2.38
N LEU A 129 8.93 0.02 1.94
CA LEU A 129 7.54 0.09 2.37
C LEU A 129 6.53 -0.30 1.30
N PHE A 130 5.61 -1.19 1.67
CA PHE A 130 4.58 -1.65 0.74
C PHE A 130 3.20 -1.31 1.27
N ILE A 131 2.53 -0.41 0.58
CA ILE A 131 1.20 0.01 0.96
C ILE A 131 0.23 -0.69 0.01
N ILE A 132 -0.67 -1.49 0.57
CA ILE A 132 -1.61 -2.25 -0.24
C ILE A 132 -3.10 -2.02 0.05
N GLN A 133 -3.80 -1.59 -0.99
CA GLN A 133 -5.23 -1.36 -0.95
C GLN A 133 -5.77 -2.49 -1.83
N ALA A 134 -6.24 -3.54 -1.17
CA ALA A 134 -6.77 -4.71 -1.86
C ALA A 134 -7.38 -5.67 -0.83
N CYS A 135 -8.31 -6.50 -1.30
CA CYS A 135 -8.97 -7.45 -0.43
C CYS A 135 -7.99 -8.53 0.01
N ARG A 136 -8.24 -9.12 1.17
CA ARG A 136 -7.38 -10.17 1.71
C ARG A 136 -8.23 -11.39 2.03
N GLY A 137 -9.40 -11.45 1.42
CA GLY A 137 -10.32 -12.54 1.66
C GLY A 137 -11.73 -12.04 1.53
N THR A 138 -12.69 -12.78 2.09
CA THR A 138 -14.09 -12.38 2.00
C THR A 138 -14.83 -12.24 3.31
N GLU A 139 -14.10 -12.15 4.41
CA GLU A 139 -14.79 -11.98 5.69
C GLU A 139 -15.25 -10.53 5.84
N LEU A 140 -16.36 -10.35 6.55
CA LEU A 140 -16.90 -9.02 6.83
C LEU A 140 -16.87 -8.82 8.33
N ASP A 141 -16.51 -7.60 8.74
CA ASP A 141 -16.42 -7.23 10.14
C ASP A 141 -17.72 -6.50 10.51
N CYS A 142 -18.51 -7.11 11.39
CA CYS A 142 -19.80 -6.53 11.80
C CYS A 142 -19.72 -5.45 12.87
N GLY A 143 -18.53 -5.24 13.43
CA GLY A 143 -18.37 -4.23 14.46
C GLY A 143 -19.07 -4.51 15.77
N ILE A 144 -18.95 -3.59 16.72
CA ILE A 144 -19.57 -3.72 18.02
C ILE A 144 -19.67 -2.38 18.74
N GLU A 145 -20.69 -2.24 19.59
CA GLU A 145 -20.92 -1.03 20.37
C GLU A 145 -21.26 0.14 19.44
N LYS B 11 25.91 -8.87 9.41
CA LYS B 11 24.91 -9.68 8.69
C LYS B 11 23.49 -9.53 9.28
N ILE B 12 22.51 -9.29 8.42
CA ILE B 12 21.11 -9.12 8.84
C ILE B 12 20.15 -9.98 8.00
N PRO B 13 18.93 -10.21 8.52
CA PRO B 13 17.93 -11.02 7.79
C PRO B 13 17.58 -10.44 6.43
N VAL B 14 17.19 -11.28 5.48
CA VAL B 14 16.85 -10.78 4.15
C VAL B 14 15.45 -10.20 4.11
N GLU B 15 14.60 -10.62 5.05
CA GLU B 15 13.23 -10.13 5.14
C GLU B 15 13.12 -8.89 6.04
N ALA B 16 14.25 -8.43 6.57
CA ALA B 16 14.27 -7.26 7.44
C ALA B 16 14.18 -5.94 6.69
N ASP B 17 13.68 -4.92 7.39
CA ASP B 17 13.52 -3.59 6.84
C ASP B 17 12.39 -3.53 5.82
N PHE B 18 11.34 -4.27 6.10
CA PHE B 18 10.15 -4.30 5.25
C PHE B 18 8.99 -3.80 6.10
N LEU B 19 8.03 -3.17 5.44
CA LEU B 19 6.84 -2.70 6.12
C LEU B 19 5.65 -2.89 5.21
N TYR B 20 4.67 -3.65 5.68
CA TYR B 20 3.49 -3.85 4.90
C TYR B 20 2.35 -3.21 5.65
N ALA B 21 1.78 -2.17 5.05
CA ALA B 21 0.65 -1.47 5.63
C ALA B 21 -0.56 -1.92 4.82
N TYR B 22 -1.33 -2.84 5.40
CA TYR B 22 -2.51 -3.35 4.73
C TYR B 22 -3.72 -2.53 5.10
N SER B 23 -4.63 -2.39 4.13
CA SER B 23 -5.85 -1.64 4.28
C SER B 23 -6.85 -2.34 5.18
N THR B 24 -6.74 -3.65 5.26
CA THR B 24 -7.66 -4.42 6.08
C THR B 24 -6.94 -5.55 6.80
N ALA B 25 -7.63 -6.19 7.73
CA ALA B 25 -7.06 -7.29 8.50
C ALA B 25 -6.98 -8.56 7.65
N PRO B 26 -6.21 -9.55 8.13
CA PRO B 26 -6.03 -10.82 7.43
C PRO B 26 -7.32 -11.59 7.17
N GLY B 27 -7.60 -11.87 5.90
CA GLY B 27 -8.78 -12.61 5.53
C GLY B 27 -10.05 -11.81 5.24
N TYR B 28 -10.04 -10.53 5.55
CA TYR B 28 -11.20 -9.69 5.33
C TYR B 28 -11.27 -8.92 4.02
N TYR B 29 -12.46 -8.43 3.72
CA TYR B 29 -12.70 -7.62 2.52
C TYR B 29 -12.09 -6.26 2.85
N SER B 30 -12.04 -5.39 1.83
CA SER B 30 -11.54 -4.03 2.02
C SER B 30 -12.58 -3.16 1.34
N TRP B 31 -12.88 -2.00 1.94
CA TRP B 31 -13.88 -1.12 1.38
C TRP B 31 -13.31 0.03 0.55
N ARG B 32 -14.03 0.35 -0.51
CA ARG B 32 -13.66 1.40 -1.43
C ARG B 32 -14.95 2.14 -1.78
N ASN B 33 -14.89 3.46 -1.85
CA ASN B 33 -16.08 4.22 -2.20
C ASN B 33 -15.94 4.72 -3.63
N SER B 34 -16.97 4.54 -4.45
CA SER B 34 -16.97 4.96 -5.84
C SER B 34 -16.54 6.40 -6.12
N LYS B 35 -16.93 7.35 -5.28
CA LYS B 35 -16.55 8.74 -5.51
C LYS B 35 -15.48 9.27 -4.55
N ASP B 36 -15.44 8.77 -3.32
CA ASP B 36 -14.46 9.24 -2.33
C ASP B 36 -13.11 8.52 -2.31
N GLY B 37 -13.07 7.29 -2.82
CA GLY B 37 -11.85 6.53 -2.79
C GLY B 37 -11.94 5.48 -1.68
N SER B 38 -10.90 4.66 -1.53
CA SER B 38 -10.90 3.63 -0.49
C SER B 38 -10.73 4.30 0.87
N TRP B 39 -11.29 3.68 1.92
CA TRP B 39 -11.20 4.25 3.26
C TRP B 39 -9.77 4.38 3.74
N PHE B 40 -8.99 3.35 3.45
CA PHE B 40 -7.60 3.29 3.86
C PHE B 40 -6.76 4.39 3.23
N ILE B 41 -6.78 4.47 1.91
CA ILE B 41 -5.97 5.48 1.25
C ILE B 41 -6.33 6.92 1.60
N GLN B 42 -7.62 7.26 1.58
CA GLN B 42 -7.97 8.63 1.92
C GLN B 42 -7.61 8.97 3.37
N SER B 43 -7.56 7.95 4.23
CA SER B 43 -7.21 8.16 5.63
C SER B 43 -5.71 8.19 5.81
N LEU B 44 -4.99 7.55 4.90
CA LEU B 44 -3.53 7.53 4.97
C LEU B 44 -2.97 8.85 4.49
N CYS B 45 -3.46 9.34 3.37
CA CYS B 45 -2.98 10.60 2.82
C CYS B 45 -3.28 11.78 3.75
N ALA B 46 -4.40 11.70 4.46
CA ALA B 46 -4.80 12.78 5.36
C ALA B 46 -3.84 12.88 6.55
N MET B 47 -3.46 11.73 7.09
CA MET B 47 -2.55 11.69 8.23
C MET B 47 -1.11 11.98 7.82
N LEU B 48 -0.76 11.69 6.57
CA LEU B 48 0.59 11.97 6.14
C LEU B 48 0.75 13.48 6.06
N LYS B 49 -0.24 14.13 5.46
CA LYS B 49 -0.22 15.57 5.31
C LYS B 49 -0.10 16.31 6.64
N GLN B 50 -0.90 15.90 7.63
CA GLN B 50 -0.88 16.54 8.94
C GLN B 50 0.28 16.15 9.84
N TYR B 51 0.74 14.91 9.73
CA TYR B 51 1.80 14.44 10.62
C TYR B 51 3.16 14.01 10.09
N ALA B 52 3.34 13.98 8.77
CA ALA B 52 4.64 13.56 8.24
C ALA B 52 5.80 14.35 8.85
N ASP B 53 5.57 15.61 9.21
CA ASP B 53 6.65 16.42 9.77
C ASP B 53 6.64 16.49 11.30
N LYS B 54 5.80 15.67 11.94
CA LYS B 54 5.71 15.67 13.40
C LYS B 54 5.84 14.30 14.08
N LEU B 55 5.34 13.25 13.44
CA LEU B 55 5.36 11.93 14.04
C LEU B 55 6.17 10.86 13.34
N GLU B 56 6.60 9.87 14.13
CA GLU B 56 7.33 8.73 13.62
C GLU B 56 6.29 7.96 12.81
N PHE B 57 6.73 7.30 11.75
CA PHE B 57 5.83 6.57 10.85
C PHE B 57 4.90 5.51 11.46
N MET B 58 5.38 4.77 12.45
CA MET B 58 4.54 3.75 13.08
C MET B 58 3.36 4.37 13.82
N HIS B 59 3.58 5.57 14.33
CA HIS B 59 2.55 6.30 15.06
C HIS B 59 1.52 6.94 14.14
N ILE B 60 1.95 7.30 12.94
CA ILE B 60 1.06 7.89 11.95
C ILE B 60 0.06 6.82 11.50
N LEU B 61 0.59 5.65 11.13
CA LEU B 61 -0.26 4.55 10.68
C LEU B 61 -1.27 4.18 11.76
N THR B 62 -0.87 4.34 13.01
CA THR B 62 -1.76 4.02 14.11
C THR B 62 -2.95 4.99 14.08
N ARG B 63 -2.65 6.24 13.71
CA ARG B 63 -3.65 7.30 13.58
C ARG B 63 -4.63 6.90 12.49
N VAL B 64 -4.08 6.34 11.41
CA VAL B 64 -4.83 5.88 10.26
C VAL B 64 -5.73 4.72 10.68
N ASN B 65 -5.23 3.88 11.58
CA ASN B 65 -6.02 2.75 12.06
C ASN B 65 -7.26 3.29 12.79
N ARG B 66 -7.03 4.22 13.71
CA ARG B 66 -8.14 4.81 14.47
C ARG B 66 -9.15 5.50 13.57
N LYS B 67 -8.67 6.20 12.54
CA LYS B 67 -9.58 6.90 11.66
C LYS B 67 -10.48 5.96 10.88
N VAL B 68 -9.87 4.99 10.19
CA VAL B 68 -10.63 4.02 9.41
C VAL B 68 -11.58 3.26 10.32
N ALA B 69 -11.07 2.84 11.48
CA ALA B 69 -11.89 2.08 12.43
C ALA B 69 -13.05 2.89 13.00
N THR B 70 -12.78 4.16 13.25
CA THR B 70 -13.75 5.05 13.85
C THR B 70 -14.77 5.72 12.93
N GLU B 71 -14.27 6.46 11.96
CA GLU B 71 -15.10 7.22 11.05
C GLU B 71 -15.70 6.58 9.80
N PHE B 72 -15.57 5.28 9.62
CA PHE B 72 -16.14 4.64 8.42
C PHE B 72 -17.04 3.46 8.71
N GLU B 73 -18.09 3.34 7.91
CA GLU B 73 -19.06 2.27 8.05
C GLU B 73 -19.81 2.17 6.74
N SER B 74 -19.79 0.99 6.14
CA SER B 74 -20.44 0.76 4.85
C SER B 74 -21.94 0.87 4.90
N PHE B 75 -22.52 1.22 3.75
CA PHE B 75 -23.95 1.37 3.60
C PHE B 75 -24.31 0.62 2.32
N SER B 76 -25.33 -0.23 2.38
CA SER B 76 -25.73 -0.99 1.22
C SER B 76 -27.14 -1.51 1.36
N PHE B 77 -27.80 -1.73 0.22
CA PHE B 77 -29.17 -2.25 0.23
C PHE B 77 -29.11 -3.74 0.45
N ASP B 78 -27.91 -4.29 0.30
CA ASP B 78 -27.68 -5.71 0.51
C ASP B 78 -27.33 -5.90 1.99
N ALA B 79 -28.26 -6.47 2.74
CA ALA B 79 -28.07 -6.70 4.18
C ALA B 79 -26.73 -7.31 4.58
N THR B 80 -26.25 -8.26 3.79
CA THR B 80 -24.97 -8.93 4.07
C THR B 80 -23.78 -7.97 4.13
N PHE B 81 -23.85 -6.88 3.37
CA PHE B 81 -22.75 -5.91 3.33
C PHE B 81 -23.04 -4.59 4.03
N HIS B 82 -24.24 -4.46 4.60
CA HIS B 82 -24.60 -3.22 5.26
C HIS B 82 -24.01 -3.10 6.65
N ALA B 83 -23.63 -1.87 7.00
CA ALA B 83 -23.06 -1.55 8.31
C ALA B 83 -21.87 -2.41 8.70
N LYS B 84 -20.86 -2.47 7.83
CA LYS B 84 -19.68 -3.24 8.12
C LYS B 84 -18.53 -2.30 8.42
N LYS B 85 -17.66 -2.76 9.30
CA LYS B 85 -16.52 -1.98 9.73
C LYS B 85 -15.24 -2.53 9.10
N GLN B 86 -14.10 -1.87 9.35
CA GLN B 86 -12.82 -2.30 8.80
C GLN B 86 -11.66 -1.80 9.65
N ILE B 87 -10.63 -2.63 9.81
CA ILE B 87 -9.47 -2.25 10.59
C ILE B 87 -8.20 -2.52 9.77
N PRO B 88 -7.38 -1.48 9.54
CA PRO B 88 -6.16 -1.68 8.76
C PRO B 88 -5.20 -2.57 9.55
N CYS B 89 -4.23 -3.18 8.88
CA CYS B 89 -3.27 -4.06 9.54
C CYS B 89 -1.84 -3.65 9.20
N ILE B 90 -1.08 -3.24 10.23
CA ILE B 90 0.31 -2.85 10.06
C ILE B 90 1.18 -4.06 10.28
N VAL B 91 2.17 -4.27 9.41
CA VAL B 91 3.07 -5.40 9.56
C VAL B 91 4.47 -4.85 9.38
N SER B 92 5.17 -4.71 10.51
CA SER B 92 6.50 -4.14 10.51
C SER B 92 7.62 -5.12 10.85
N MET B 93 8.68 -5.03 10.07
CA MET B 93 9.87 -5.82 10.25
C MET B 93 11.01 -4.82 10.11
N LEU B 94 10.66 -3.57 10.37
CA LEU B 94 11.62 -2.48 10.32
C LEU B 94 12.55 -2.62 11.52
N THR B 95 13.73 -2.05 11.40
CA THR B 95 14.74 -2.13 12.44
C THR B 95 14.92 -0.82 13.22
N LYS B 96 14.39 0.27 12.68
CA LYS B 96 14.54 1.56 13.32
C LYS B 96 13.28 2.37 13.13
N GLU B 97 13.28 3.58 13.68
CA GLU B 97 12.15 4.47 13.56
C GLU B 97 12.24 5.21 12.23
N LEU B 98 11.10 5.51 11.65
CA LEU B 98 11.09 6.18 10.36
C LEU B 98 10.47 7.57 10.42
N TYR B 99 11.28 8.56 10.06
CA TYR B 99 10.84 9.94 10.05
C TYR B 99 11.08 10.50 8.66
N PHE B 100 10.08 11.18 8.11
CA PHE B 100 10.16 11.78 6.79
C PHE B 100 10.86 13.15 6.81
N TYR B 101 11.47 13.51 7.93
CA TYR B 101 12.14 14.80 8.01
C TYR B 101 13.52 14.68 8.64
N ASP C 2 -20.55 2.55 -1.63
CA ASP C 2 -19.51 1.65 -1.13
C ASP C 2 -19.41 0.34 -1.89
N GLU C 3 -18.18 -0.07 -2.18
CA GLU C 3 -17.90 -1.30 -2.89
C GLU C 3 -16.76 -2.04 -2.23
N VAL C 4 -16.56 -3.32 -2.58
CA VAL C 4 -15.46 -4.12 -1.99
C VAL C 4 -14.27 -4.46 -2.92
#